data_1PFG
#
_entry.id   1PFG
#
_cell.length_a   68.000
_cell.length_b   68.000
_cell.length_c   107.700
_cell.angle_alpha   90.00
_cell.angle_beta   90.00
_cell.angle_gamma   90.00
#
_symmetry.space_group_name_H-M   'P 43 21 2'
#
loop_
_entity.id
_entity.type
_entity.pdbx_description
1 polymer 'Proteinase K'
2 polymer N-Ac-PAPFAAAA-NH2
3 water water
#
loop_
_entity_poly.entity_id
_entity_poly.type
_entity_poly.pdbx_seq_one_letter_code
_entity_poly.pdbx_strand_id
1 'polypeptide(L)'
;AAQTNAPWGLARISSTSPGTSTYYYDESAGQGSCVYVIDTGIEASHPEFEGRAQMVKTYYYSSRDGNGHGTHCAGTVGSR
TYGVVKKTQLFGVKVLDDNGSGQYSTIIAGMDFVASDKNNRNCPKGVVASLSLGGGYSSSVNSAAARLQSSGVMVAVAAG
NNNADARNYSPASEPSVCTVGASDRYDRRSSFSNYGSVLDIFGPGTSILSTWIGGSTRSISGTSMATPHVAGLAAYLMTL
GKTTAASACRYIADTANKGDLSNIPFGTVNLLAYNNYQA
;
A
2 'polypeptide(L)' (ACE)PAPFAAAA(NH2) B
#
# COMPACT_ATOMS: atom_id res chain seq x y z
N ALA A 1 -16.50 13.57 3.64
CA ALA A 1 -15.85 14.38 2.56
C ALA A 1 -15.93 13.67 1.20
N ALA A 2 -15.82 14.50 0.18
CA ALA A 2 -15.81 14.06 -1.16
C ALA A 2 -14.67 14.68 -1.89
N GLN A 3 -14.01 13.96 -2.78
CA GLN A 3 -13.02 14.62 -3.63
C GLN A 3 -13.53 14.33 -5.03
N THR A 4 -13.98 15.40 -5.65
CA THR A 4 -14.55 15.41 -6.97
C THR A 4 -13.44 15.15 -7.96
N ASN A 5 -13.78 14.70 -9.16
CA ASN A 5 -12.73 14.31 -10.09
C ASN A 5 -11.55 13.70 -9.31
N ALA A 6 -11.85 12.79 -8.38
CA ALA A 6 -10.78 12.10 -7.64
C ALA A 6 -10.18 11.14 -8.63
N PRO A 7 -9.01 10.58 -8.34
CA PRO A 7 -8.54 9.49 -9.17
C PRO A 7 -9.56 8.37 -8.96
N TRP A 8 -9.70 7.58 -9.99
CA TRP A 8 -10.63 6.51 -10.05
C TRP A 8 -10.42 5.41 -8.99
N GLY A 9 -9.18 5.21 -8.56
CA GLY A 9 -8.92 4.16 -7.60
C GLY A 9 -9.49 4.67 -6.28
N LEU A 10 -9.31 5.95 -6.14
CA LEU A 10 -9.83 6.66 -5.01
C LEU A 10 -11.38 6.59 -5.09
N ALA A 11 -11.99 7.02 -6.18
CA ALA A 11 -13.44 6.93 -6.28
C ALA A 11 -13.89 5.48 -6.07
N ARG A 12 -13.10 4.53 -6.56
CA ARG A 12 -13.53 3.13 -6.47
C ARG A 12 -13.58 2.53 -5.06
N ILE A 13 -12.48 2.75 -4.36
CA ILE A 13 -12.29 2.36 -2.98
C ILE A 13 -13.44 2.83 -2.14
N SER A 14 -14.17 3.82 -2.63
CA SER A 14 -15.33 4.35 -1.84
C SER A 14 -16.66 4.21 -2.58
N SER A 15 -16.69 3.37 -3.62
CA SER A 15 -17.89 3.10 -4.37
C SER A 15 -18.11 1.62 -4.35
N THR A 16 -19.35 1.29 -4.58
CA THR A 16 -19.76 -0.08 -4.54
C THR A 16 -20.06 -0.52 -5.96
N SER A 17 -19.65 0.35 -6.89
CA SER A 17 -19.91 0.24 -8.33
C SER A 17 -18.79 0.88 -9.05
N PRO A 18 -18.25 0.27 -10.10
CA PRO A 18 -17.15 0.94 -10.73
C PRO A 18 -17.83 2.12 -11.39
N GLY A 19 -17.13 3.18 -11.77
CA GLY A 19 -17.76 4.23 -12.56
C GLY A 19 -17.72 5.64 -12.07
N THR A 20 -17.60 5.76 -10.78
CA THR A 20 -17.72 7.05 -10.15
C THR A 20 -16.45 7.89 -10.18
N SER A 21 -16.59 9.14 -9.73
CA SER A 21 -15.51 10.11 -9.89
C SER A 21 -15.19 10.89 -8.65
N THR A 22 -15.88 10.57 -7.58
CA THR A 22 -15.63 11.25 -6.35
C THR A 22 -15.09 10.26 -5.41
N TYR A 23 -14.16 10.67 -4.58
CA TYR A 23 -13.66 9.84 -3.52
C TYR A 23 -14.32 10.44 -2.26
N TYR A 24 -14.99 9.60 -1.52
CA TYR A 24 -15.70 9.97 -0.36
C TYR A 24 -14.98 9.30 0.76
N TYR A 25 -14.56 10.07 1.74
CA TYR A 25 -13.89 9.51 2.88
C TYR A 25 -14.19 10.34 4.10
N ASP A 26 -14.03 9.73 5.21
CA ASP A 26 -14.10 10.45 6.42
C ASP A 26 -12.95 11.48 6.45
N GLU A 27 -13.18 12.59 7.12
CA GLU A 27 -12.18 13.64 7.24
C GLU A 27 -10.96 13.43 8.14
N SER A 28 -11.08 12.53 9.14
CA SER A 28 -9.99 12.23 10.03
C SER A 28 -8.84 11.87 9.10
N ALA A 29 -9.28 11.30 7.99
CA ALA A 29 -8.39 10.95 6.94
C ALA A 29 -7.05 10.36 7.33
N GLY A 30 -6.97 9.35 8.18
CA GLY A 30 -5.65 8.73 8.40
C GLY A 30 -4.87 9.39 9.48
N GLN A 31 -5.34 10.51 9.95
CA GLN A 31 -4.47 11.14 10.90
C GLN A 31 -4.37 10.40 12.27
N GLY A 32 -3.23 10.45 12.92
CA GLY A 32 -3.06 9.64 14.10
C GLY A 32 -2.23 8.42 13.78
N SER A 33 -2.41 7.84 12.59
CA SER A 33 -1.65 6.64 12.25
C SER A 33 -0.46 7.03 11.49
N CYS A 34 0.38 6.04 11.26
CA CYS A 34 1.59 6.28 10.60
C CYS A 34 1.77 5.22 9.63
N VAL A 35 2.41 5.55 8.54
CA VAL A 35 2.60 4.55 7.55
C VAL A 35 4.01 4.55 7.10
N TYR A 36 4.71 3.46 7.33
CA TYR A 36 6.01 3.33 6.80
C TYR A 36 5.87 2.82 5.40
N VAL A 37 6.59 3.55 4.52
CA VAL A 37 6.56 3.26 3.12
C VAL A 37 7.98 2.75 2.95
N ILE A 38 8.08 1.46 2.88
CA ILE A 38 9.31 0.83 2.89
C ILE A 38 9.51 0.59 1.40
N ASP A 39 10.38 1.41 0.85
CA ASP A 39 10.45 1.50 -0.58
C ASP A 39 11.73 2.28 -1.02
N THR A 40 11.65 3.03 -2.08
CA THR A 40 12.79 3.81 -2.58
C THR A 40 13.05 5.20 -1.98
N GLY A 41 12.18 5.68 -1.14
CA GLY A 41 12.38 6.99 -0.55
C GLY A 41 11.06 7.67 -0.72
N ILE A 42 10.98 8.96 -0.58
CA ILE A 42 9.73 9.68 -0.61
C ILE A 42 10.22 11.07 -0.69
N GLU A 43 9.94 11.74 -1.78
CA GLU A 43 10.29 13.12 -1.89
C GLU A 43 9.47 13.85 -0.83
N ALA A 44 9.94 13.76 0.39
CA ALA A 44 9.28 14.43 1.47
C ALA A 44 8.99 15.95 1.14
N SER A 45 9.68 16.59 0.22
CA SER A 45 9.30 18.01 -0.09
C SER A 45 8.11 18.17 -1.01
N HIS A 46 7.57 17.10 -1.54
CA HIS A 46 6.40 17.31 -2.40
C HIS A 46 5.35 18.11 -1.67
N PRO A 47 5.01 19.20 -2.31
CA PRO A 47 3.98 20.08 -1.78
C PRO A 47 2.74 19.28 -1.48
N GLU A 48 2.54 18.21 -2.22
CA GLU A 48 1.40 17.27 -2.04
C GLU A 48 1.49 16.50 -0.70
N PHE A 49 2.64 16.49 -0.05
CA PHE A 49 2.77 15.79 1.21
C PHE A 49 2.70 16.85 2.30
N GLU A 50 2.49 18.07 1.85
CA GLU A 50 2.32 19.14 2.77
C GLU A 50 3.18 19.00 3.99
N GLY A 51 4.31 18.35 3.92
CA GLY A 51 5.11 18.40 5.14
C GLY A 51 4.93 17.22 6.07
N ARG A 52 4.03 16.30 5.70
CA ARG A 52 3.79 15.09 6.48
C ARG A 52 4.58 13.83 6.15
N ALA A 53 5.65 13.97 5.42
CA ALA A 53 6.45 12.82 5.03
C ALA A 53 7.83 13.06 5.58
N GLN A 54 8.61 12.02 5.77
CA GLN A 54 9.97 12.25 6.17
C GLN A 54 10.65 10.96 6.23
N MET A 55 11.84 11.03 5.73
CA MET A 55 12.74 9.94 5.59
C MET A 55 13.25 9.67 7.01
N VAL A 56 13.20 8.46 7.40
CA VAL A 56 13.52 8.12 8.74
C VAL A 56 14.77 7.28 8.77
N LYS A 57 15.02 6.73 7.64
CA LYS A 57 16.19 5.92 7.57
C LYS A 57 16.40 5.48 6.15
N THR A 58 17.62 5.55 5.62
CA THR A 58 17.90 4.89 4.34
C THR A 58 18.82 3.76 4.60
N TYR A 59 19.06 2.97 3.56
CA TYR A 59 20.10 1.94 3.62
C TYR A 59 21.07 2.16 2.52
N TYR A 60 21.09 3.39 2.06
CA TYR A 60 22.01 3.80 1.04
C TYR A 60 22.66 5.11 1.42
N TYR A 61 23.36 5.69 0.47
CA TYR A 61 23.95 7.04 0.63
C TYR A 61 23.10 8.28 0.86
N SER A 62 21.91 8.32 0.25
CA SER A 62 21.09 9.47 0.43
C SER A 62 19.89 8.91 1.01
N SER A 63 18.94 9.78 1.08
CA SER A 63 17.76 9.42 1.68
C SER A 63 16.72 9.75 0.55
N ARG A 64 17.12 10.53 -0.43
CA ARG A 64 16.28 10.91 -1.53
C ARG A 64 15.71 9.72 -2.30
N ASP A 65 14.50 9.92 -2.82
CA ASP A 65 13.90 8.99 -3.72
C ASP A 65 14.47 9.50 -5.05
N GLY A 66 15.20 8.71 -5.82
CA GLY A 66 15.67 9.21 -7.07
C GLY A 66 14.94 8.37 -8.10
N ASN A 67 13.89 7.74 -7.63
CA ASN A 67 13.23 6.83 -8.51
C ASN A 67 11.85 7.26 -8.92
N GLY A 68 11.01 7.39 -7.91
CA GLY A 68 9.64 7.81 -8.11
C GLY A 68 8.69 6.88 -7.42
N HIS A 69 8.97 5.58 -7.47
CA HIS A 69 8.09 4.54 -6.95
C HIS A 69 7.51 4.92 -5.60
N GLY A 70 8.37 5.21 -4.64
CA GLY A 70 7.96 5.52 -3.27
C GLY A 70 7.15 6.78 -3.11
N THR A 71 7.48 7.82 -3.87
CA THR A 71 6.80 9.08 -3.71
C THR A 71 5.45 8.69 -4.22
N HIS A 72 5.45 7.86 -5.27
CA HIS A 72 4.21 7.36 -5.86
C HIS A 72 3.37 6.62 -4.85
N CYS A 73 3.88 5.48 -4.37
CA CYS A 73 3.25 4.82 -3.24
C CYS A 73 2.94 5.77 -2.05
N ALA A 74 3.91 6.53 -1.58
CA ALA A 74 3.66 7.39 -0.42
C ALA A 74 2.40 8.13 -0.79
N GLY A 75 2.49 8.68 -1.99
CA GLY A 75 1.47 9.46 -2.64
C GLY A 75 0.08 8.90 -2.50
N THR A 76 -0.12 7.67 -2.94
CA THR A 76 -1.40 7.04 -2.90
C THR A 76 -1.86 6.70 -1.49
N VAL A 77 -0.90 6.46 -0.62
CA VAL A 77 -1.39 6.15 0.68
C VAL A 77 -1.81 7.45 1.37
N GLY A 78 -1.23 8.60 0.99
CA GLY A 78 -1.61 9.76 1.71
C GLY A 78 -1.10 11.09 1.25
N SER A 79 -1.13 11.31 -0.04
CA SER A 79 -0.79 12.60 -0.54
C SER A 79 -2.16 13.24 -0.47
N ARG A 80 -2.18 14.53 -0.32
CA ARG A 80 -3.41 15.26 -0.31
C ARG A 80 -4.47 14.88 -1.32
N THR A 81 -3.99 14.87 -2.55
CA THR A 81 -4.85 14.75 -3.65
C THR A 81 -4.92 13.36 -4.22
N TYR A 82 -3.76 12.75 -4.34
CA TYR A 82 -3.68 11.43 -4.87
C TYR A 82 -3.93 10.36 -3.82
N GLY A 83 -4.35 10.68 -2.61
CA GLY A 83 -4.27 9.66 -1.56
C GLY A 83 -5.52 9.23 -0.81
N VAL A 84 -5.45 8.05 -0.22
CA VAL A 84 -6.54 7.43 0.50
C VAL A 84 -6.76 8.25 1.77
N VAL A 85 -5.68 8.36 2.50
CA VAL A 85 -5.59 8.98 3.78
C VAL A 85 -4.90 10.32 3.70
N LYS A 86 -5.64 11.38 3.52
CA LYS A 86 -4.96 12.63 3.25
C LYS A 86 -4.24 13.22 4.46
N LYS A 87 -4.28 12.56 5.61
CA LYS A 87 -3.66 13.16 6.81
C LYS A 87 -2.76 12.28 7.61
N THR A 88 -2.43 11.16 7.01
CA THR A 88 -1.55 10.21 7.63
C THR A 88 -0.21 10.86 7.68
N GLN A 89 0.63 10.30 8.52
CA GLN A 89 1.98 10.76 8.62
C GLN A 89 2.77 9.66 7.93
N LEU A 90 3.67 10.06 7.05
CA LEU A 90 4.42 9.09 6.32
C LEU A 90 5.88 9.18 6.65
N PHE A 91 6.50 8.02 6.82
CA PHE A 91 7.93 7.90 7.12
C PHE A 91 8.53 7.05 6.06
N GLY A 92 9.65 7.46 5.49
CA GLY A 92 10.27 6.71 4.43
C GLY A 92 11.36 5.91 5.08
N VAL A 93 11.48 4.69 4.60
CA VAL A 93 12.51 3.82 5.07
C VAL A 93 12.97 3.43 3.66
N LYS A 94 14.24 3.70 3.34
CA LYS A 94 14.61 3.48 1.99
C LYS A 94 15.42 2.18 1.89
N VAL A 95 14.75 1.16 1.38
CA VAL A 95 15.35 -0.14 1.34
C VAL A 95 15.70 -0.44 -0.13
N LEU A 96 15.05 0.23 -1.03
CA LEU A 96 15.29 -0.01 -2.41
C LEU A 96 16.12 1.16 -3.01
N ASP A 97 17.12 0.74 -3.78
CA ASP A 97 17.96 1.70 -4.43
C ASP A 97 17.09 2.52 -5.44
N ASP A 98 17.70 3.49 -6.10
CA ASP A 98 16.97 4.39 -6.98
C ASP A 98 16.61 3.75 -8.29
N ASN A 99 16.78 2.45 -8.40
CA ASN A 99 16.25 1.77 -9.59
C ASN A 99 15.12 0.95 -9.16
N GLY A 100 14.94 0.91 -7.84
CA GLY A 100 13.81 0.21 -7.28
C GLY A 100 14.21 -1.19 -6.88
N SER A 101 15.50 -1.48 -6.74
CA SER A 101 15.87 -2.81 -6.26
C SER A 101 16.43 -2.72 -4.87
N GLY A 102 16.50 -3.90 -4.21
CA GLY A 102 16.92 -3.97 -2.82
C GLY A 102 17.36 -5.41 -2.59
N GLN A 103 18.23 -5.69 -1.60
CA GLN A 103 18.61 -7.07 -1.26
C GLN A 103 17.61 -7.49 -0.17
N TYR A 104 17.45 -8.77 0.03
CA TYR A 104 16.43 -9.22 0.94
C TYR A 104 16.84 -8.89 2.35
N SER A 105 18.11 -9.01 2.66
CA SER A 105 18.51 -8.49 3.98
C SER A 105 18.33 -7.01 4.20
N THR A 106 18.58 -6.09 3.26
CA THR A 106 18.27 -4.66 3.66
C THR A 106 16.78 -4.49 3.73
N ILE A 107 15.99 -5.25 2.97
CA ILE A 107 14.58 -5.16 3.29
C ILE A 107 14.31 -5.95 4.61
N ILE A 108 14.98 -7.05 4.91
CA ILE A 108 14.66 -7.68 6.19
C ILE A 108 14.95 -6.62 7.23
N ALA A 109 16.13 -6.07 7.11
CA ALA A 109 16.57 -5.00 7.94
C ALA A 109 15.57 -3.83 7.98
N GLY A 110 15.13 -3.33 6.85
CA GLY A 110 14.14 -2.27 6.89
C GLY A 110 12.91 -2.76 7.68
N MET A 111 12.59 -4.04 7.65
CA MET A 111 11.39 -4.48 8.34
C MET A 111 11.65 -4.55 9.85
N ASP A 112 12.78 -5.15 10.26
CA ASP A 112 13.06 -5.19 11.69
C ASP A 112 13.19 -3.75 12.20
N PHE A 113 13.57 -2.84 11.29
CA PHE A 113 13.88 -1.47 11.68
C PHE A 113 12.57 -0.82 12.05
N VAL A 114 11.58 -0.85 11.08
CA VAL A 114 10.33 -0.12 11.44
C VAL A 114 9.75 -0.77 12.70
N ALA A 115 9.91 -2.08 12.96
CA ALA A 115 9.43 -2.71 14.17
C ALA A 115 10.03 -2.09 15.40
N SER A 116 11.26 -1.69 15.32
CA SER A 116 11.86 -1.05 16.48
C SER A 116 11.51 0.42 16.59
N ASP A 117 11.83 1.12 15.51
CA ASP A 117 11.63 2.54 15.38
C ASP A 117 10.25 3.08 15.61
N LYS A 118 9.28 2.26 15.27
CA LYS A 118 7.96 2.74 15.45
C LYS A 118 7.98 3.00 16.98
N ASN A 119 8.74 2.25 17.77
CA ASN A 119 8.62 2.45 19.23
C ASN A 119 9.01 3.83 19.64
N ASN A 120 9.56 4.64 18.76
CA ASN A 120 9.95 5.88 19.32
C ASN A 120 9.35 7.07 18.57
N ARG A 121 8.09 6.82 18.18
CA ARG A 121 7.30 7.78 17.49
C ARG A 121 5.98 7.88 18.06
N ASN A 122 5.38 8.91 17.60
CA ASN A 122 4.07 9.18 18.04
C ASN A 122 3.06 8.79 16.97
N CYS A 123 2.65 7.54 16.98
CA CYS A 123 1.65 7.07 16.04
C CYS A 123 0.49 6.54 16.79
N PRO A 124 -0.21 7.43 17.43
CA PRO A 124 -1.28 7.03 18.32
C PRO A 124 -2.26 6.04 17.72
N LYS A 125 -2.56 6.11 16.41
CA LYS A 125 -3.64 5.27 15.80
C LYS A 125 -3.33 4.02 15.17
N GLY A 126 -2.07 3.70 15.02
CA GLY A 126 -1.82 2.40 14.52
C GLY A 126 -0.70 2.65 13.63
N VAL A 127 -0.17 1.57 13.08
CA VAL A 127 1.01 1.77 12.37
C VAL A 127 0.90 0.79 11.39
N VAL A 128 1.19 1.22 10.20
CA VAL A 128 0.98 0.38 9.10
C VAL A 128 2.28 0.33 8.44
N ALA A 129 2.50 -0.64 7.60
CA ALA A 129 3.76 -0.55 6.91
C ALA A 129 3.33 -1.03 5.56
N SER A 130 3.86 -0.42 4.54
CA SER A 130 3.37 -0.71 3.24
C SER A 130 4.56 -1.08 2.37
N LEU A 131 4.54 -2.36 1.98
CA LEU A 131 5.58 -2.94 1.18
C LEU A 131 5.08 -3.31 -0.20
N SER A 132 5.27 -2.37 -1.11
CA SER A 132 4.99 -2.49 -2.52
C SER A 132 6.28 -2.96 -3.13
N LEU A 133 6.68 -4.17 -2.78
CA LEU A 133 7.93 -4.69 -3.27
C LEU A 133 7.91 -6.16 -3.05
N GLY A 134 8.85 -6.85 -3.63
CA GLY A 134 8.83 -8.24 -3.46
C GLY A 134 9.72 -9.01 -4.40
N GLY A 135 9.76 -10.32 -4.15
CA GLY A 135 10.61 -11.17 -4.95
C GLY A 135 10.22 -12.63 -4.80
N GLY A 136 11.14 -13.51 -5.14
CA GLY A 136 10.88 -14.93 -5.09
C GLY A 136 10.71 -15.29 -3.64
N TYR A 137 10.00 -16.36 -3.39
CA TYR A 137 9.68 -16.82 -2.06
C TYR A 137 10.90 -16.82 -1.17
N SER A 138 10.84 -16.31 0.06
CA SER A 138 11.96 -16.59 0.97
C SER A 138 11.41 -16.62 2.33
N SER A 139 11.83 -17.61 3.13
CA SER A 139 11.19 -17.73 4.39
C SER A 139 11.77 -16.82 5.39
N SER A 140 12.85 -16.16 5.08
CA SER A 140 13.28 -15.20 6.05
C SER A 140 12.55 -13.94 5.67
N VAL A 141 12.30 -13.76 4.37
CA VAL A 141 11.63 -12.53 4.05
C VAL A 141 10.25 -12.65 4.70
N ASN A 142 9.68 -13.84 4.78
CA ASN A 142 8.34 -13.98 5.28
C ASN A 142 8.32 -13.82 6.70
N SER A 143 9.41 -14.29 7.29
CA SER A 143 9.67 -14.29 8.71
C SER A 143 9.74 -12.79 9.09
N ALA A 144 10.54 -12.03 8.35
CA ALA A 144 10.69 -10.60 8.66
C ALA A 144 9.30 -9.94 8.67
N ALA A 145 8.51 -10.21 7.62
CA ALA A 145 7.20 -9.64 7.48
C ALA A 145 6.39 -10.13 8.63
N ALA A 146 6.49 -11.40 8.92
CA ALA A 146 5.64 -11.87 10.01
C ALA A 146 6.16 -11.30 11.35
N ARG A 147 7.47 -11.11 11.55
CA ARG A 147 7.93 -10.47 12.80
C ARG A 147 7.39 -9.07 12.90
N LEU A 148 7.57 -8.35 11.81
CA LEU A 148 7.12 -6.97 11.78
C LEU A 148 5.64 -6.98 12.09
N GLN A 149 4.93 -7.86 11.41
CA GLN A 149 3.50 -7.85 11.62
C GLN A 149 3.09 -8.25 13.05
N SER A 150 3.76 -9.23 13.64
CA SER A 150 3.38 -9.65 14.98
C SER A 150 3.86 -8.64 15.98
N SER A 151 4.95 -7.95 15.64
CA SER A 151 5.44 -6.90 16.53
C SER A 151 4.38 -5.81 16.56
N GLY A 152 3.34 -5.92 15.77
CA GLY A 152 2.28 -4.92 15.85
C GLY A 152 2.03 -3.96 14.71
N VAL A 153 2.57 -4.23 13.53
CA VAL A 153 2.43 -3.27 12.50
C VAL A 153 1.47 -3.93 11.51
N MET A 154 0.74 -3.18 10.73
CA MET A 154 -0.21 -3.73 9.76
C MET A 154 0.53 -3.74 8.42
N VAL A 155 1.16 -4.87 8.13
CA VAL A 155 1.90 -5.03 6.92
C VAL A 155 0.96 -5.28 5.70
N ALA A 156 0.91 -4.36 4.74
CA ALA A 156 0.23 -4.57 3.45
C ALA A 156 1.31 -4.88 2.47
N VAL A 157 1.02 -5.87 1.70
CA VAL A 157 1.94 -6.55 0.88
C VAL A 157 1.48 -6.77 -0.62
N ALA A 158 2.21 -6.28 -1.66
CA ALA A 158 1.82 -6.39 -3.05
C ALA A 158 1.75 -7.89 -3.41
N ALA A 159 0.64 -8.40 -4.01
CA ALA A 159 0.63 -9.84 -4.40
C ALA A 159 1.74 -10.10 -5.40
N GLY A 160 2.09 -9.07 -6.10
CA GLY A 160 3.09 -9.22 -7.12
C GLY A 160 2.37 -9.00 -8.43
N ASN A 161 3.16 -8.94 -9.46
CA ASN A 161 2.62 -8.48 -10.71
C ASN A 161 2.92 -9.52 -11.73
N ASN A 162 3.01 -10.75 -11.32
CA ASN A 162 3.40 -11.70 -12.33
C ASN A 162 2.20 -12.51 -12.81
N ASN A 163 0.99 -12.00 -12.49
CA ASN A 163 -0.26 -12.63 -12.89
C ASN A 163 -0.12 -14.14 -12.61
N ALA A 164 0.58 -14.51 -11.53
CA ALA A 164 0.75 -15.91 -11.15
C ALA A 164 0.07 -16.08 -9.85
N ASP A 165 0.36 -17.25 -9.24
CA ASP A 165 -0.15 -17.55 -7.93
C ASP A 165 0.85 -16.91 -6.98
N ALA A 166 0.42 -16.00 -6.14
CA ALA A 166 1.32 -15.36 -5.21
C ALA A 166 2.10 -16.27 -4.22
N ARG A 167 1.95 -17.59 -4.28
CA ARG A 167 2.58 -18.52 -3.32
C ARG A 167 4.10 -18.62 -3.36
N ASN A 168 4.62 -18.44 -4.56
CA ASN A 168 6.03 -18.43 -4.86
C ASN A 168 6.68 -17.04 -4.81
N TYR A 169 6.00 -16.09 -4.16
CA TYR A 169 6.53 -14.73 -4.01
C TYR A 169 6.53 -14.36 -2.58
N SER A 170 7.55 -13.61 -2.25
CA SER A 170 7.77 -13.36 -0.87
C SER A 170 7.85 -11.94 -0.48
N PRO A 171 6.96 -11.71 0.44
CA PRO A 171 6.02 -11.20 1.52
C PRO A 171 4.69 -11.74 1.11
N ALA A 172 4.54 -11.63 -0.22
CA ALA A 172 3.27 -11.96 -0.78
C ALA A 172 2.67 -13.18 -0.10
N SER A 173 3.48 -14.22 0.07
CA SER A 173 3.01 -15.45 0.68
C SER A 173 3.16 -15.65 2.18
N GLU A 174 3.32 -14.59 2.97
CA GLU A 174 3.49 -14.78 4.40
C GLU A 174 2.03 -14.65 4.64
N PRO A 175 1.39 -15.77 4.74
CA PRO A 175 -0.01 -15.79 4.93
C PRO A 175 -0.29 -14.86 6.13
N SER A 176 0.54 -14.75 7.18
CA SER A 176 0.17 -13.78 8.24
C SER A 176 0.10 -12.29 7.85
N VAL A 177 0.65 -11.89 6.71
CA VAL A 177 0.48 -10.45 6.38
C VAL A 177 -0.73 -10.29 5.46
N CYS A 178 -0.82 -9.17 4.77
CA CYS A 178 -1.97 -8.84 3.95
C CYS A 178 -1.55 -8.66 2.50
N THR A 179 -1.42 -9.72 1.74
CA THR A 179 -1.06 -9.66 0.34
C THR A 179 -2.23 -8.93 -0.38
N VAL A 180 -1.92 -7.97 -1.24
CA VAL A 180 -2.93 -7.19 -1.92
C VAL A 180 -2.85 -7.45 -3.45
N GLY A 181 -3.96 -7.72 -4.13
CA GLY A 181 -3.91 -7.82 -5.61
C GLY A 181 -4.40 -6.47 -6.27
N ALA A 182 -4.27 -6.33 -7.57
CA ALA A 182 -4.77 -5.12 -8.24
C ALA A 182 -5.98 -5.37 -9.13
N SER A 183 -6.87 -4.39 -9.25
CA SER A 183 -8.00 -4.42 -10.24
C SER A 183 -7.90 -3.20 -11.15
N ASP A 184 -8.53 -3.23 -12.32
CA ASP A 184 -8.53 -2.06 -13.17
C ASP A 184 -9.88 -1.37 -12.95
N ARG A 185 -10.17 -0.28 -13.64
CA ARG A 185 -11.44 0.40 -13.32
C ARG A 185 -12.71 -0.22 -13.84
N TYR A 186 -12.64 -1.31 -14.60
CA TYR A 186 -13.88 -1.92 -15.09
C TYR A 186 -14.18 -3.08 -14.22
N ASP A 187 -13.45 -3.15 -13.10
CA ASP A 187 -13.69 -4.17 -12.10
C ASP A 187 -13.09 -5.52 -12.52
N ARG A 188 -12.16 -5.49 -13.45
CA ARG A 188 -11.50 -6.70 -13.81
C ARG A 188 -10.23 -6.85 -12.98
N ARG A 189 -9.78 -8.08 -12.69
CA ARG A 189 -8.49 -8.25 -11.99
C ARG A 189 -7.51 -7.61 -12.94
N SER A 190 -6.55 -6.86 -12.40
CA SER A 190 -5.64 -6.20 -13.28
C SER A 190 -4.90 -7.32 -14.02
N SER A 191 -4.72 -7.11 -15.30
CA SER A 191 -4.22 -8.20 -16.09
C SER A 191 -2.92 -8.67 -15.56
N PHE A 192 -2.20 -7.92 -14.75
CA PHE A 192 -0.87 -8.37 -14.34
C PHE A 192 -0.90 -8.96 -12.99
N SER A 193 -1.99 -8.76 -12.28
CA SER A 193 -2.11 -9.22 -10.92
C SER A 193 -1.86 -10.73 -10.66
N ASN A 194 -1.06 -10.99 -9.62
CA ASN A 194 -0.89 -12.30 -9.07
C ASN A 194 -2.19 -12.65 -8.39
N TYR A 195 -2.40 -13.88 -8.00
CA TYR A 195 -3.65 -14.22 -7.36
C TYR A 195 -3.35 -15.47 -6.63
N GLY A 196 -4.36 -16.21 -6.16
CA GLY A 196 -4.06 -17.41 -5.42
C GLY A 196 -4.77 -17.39 -4.13
N SER A 197 -4.64 -18.46 -3.38
CA SER A 197 -5.41 -18.65 -2.14
C SER A 197 -4.85 -17.82 -1.00
N VAL A 198 -3.66 -17.26 -1.23
CA VAL A 198 -2.99 -16.50 -0.23
C VAL A 198 -3.31 -14.99 -0.36
N LEU A 199 -3.86 -14.57 -1.46
CA LEU A 199 -4.22 -13.17 -1.53
C LEU A 199 -5.35 -12.98 -0.61
N ASP A 200 -5.41 -11.80 0.00
CA ASP A 200 -6.51 -11.51 0.91
C ASP A 200 -7.52 -10.53 0.39
N ILE A 201 -7.12 -9.74 -0.60
CA ILE A 201 -7.98 -8.73 -1.17
C ILE A 201 -7.37 -8.00 -2.34
N PHE A 202 -8.20 -7.22 -3.01
CA PHE A 202 -7.81 -6.43 -4.19
C PHE A 202 -7.92 -4.95 -3.98
N GLY A 203 -7.04 -4.16 -4.58
CA GLY A 203 -7.28 -2.75 -4.61
C GLY A 203 -6.98 -2.24 -5.99
N PRO A 204 -7.37 -0.98 -6.27
CA PRO A 204 -7.06 -0.37 -7.56
C PRO A 204 -5.60 -0.34 -7.80
N GLY A 205 -5.22 -0.90 -8.92
CA GLY A 205 -3.81 -0.91 -9.25
C GLY A 205 -3.64 -0.55 -10.71
N THR A 206 -4.71 -0.43 -11.47
CA THR A 206 -4.40 -0.04 -12.87
C THR A 206 -4.66 1.42 -13.22
N SER A 207 -3.64 1.99 -13.86
CA SER A 207 -3.57 3.39 -14.23
C SER A 207 -3.84 4.33 -13.04
N ILE A 208 -2.87 4.37 -12.13
CA ILE A 208 -2.99 5.11 -10.88
C ILE A 208 -2.23 6.42 -10.84
N LEU A 209 -2.96 7.52 -10.90
CA LEU A 209 -2.37 8.87 -10.81
C LEU A 209 -1.82 9.14 -9.39
N SER A 210 -0.53 9.46 -9.22
CA SER A 210 -0.05 9.85 -7.89
C SER A 210 1.13 10.84 -7.90
N THR A 211 1.75 11.07 -6.73
CA THR A 211 2.81 12.04 -6.60
C THR A 211 3.99 11.42 -7.32
N TRP A 212 4.86 12.28 -7.84
CA TRP A 212 6.09 11.83 -8.47
C TRP A 212 7.19 12.79 -8.08
N ILE A 213 8.42 12.35 -8.23
CA ILE A 213 9.54 13.21 -7.89
C ILE A 213 9.54 14.45 -8.83
N GLY A 214 10.17 15.54 -8.40
CA GLY A 214 10.20 16.75 -9.19
C GLY A 214 9.05 17.56 -8.75
N GLY A 215 8.34 17.08 -7.75
CA GLY A 215 7.17 17.81 -7.34
C GLY A 215 6.16 17.58 -8.49
N SER A 216 6.22 16.46 -9.19
CA SER A 216 5.24 16.22 -10.27
C SER A 216 4.17 15.18 -9.94
N THR A 217 3.56 14.63 -11.00
CA THR A 217 2.65 13.54 -10.79
C THR A 217 2.58 12.63 -11.96
N ARG A 218 2.07 11.43 -11.73
CA ARG A 218 2.08 10.45 -12.81
C ARG A 218 1.27 9.19 -12.54
N SER A 219 0.59 8.69 -13.56
CA SER A 219 -0.12 7.41 -13.45
C SER A 219 0.77 6.25 -13.74
N ILE A 220 0.72 5.21 -12.94
CA ILE A 220 1.39 4.01 -13.37
C ILE A 220 0.44 2.86 -12.92
N SER A 221 0.76 1.63 -13.22
CA SER A 221 -0.08 0.50 -12.88
C SER A 221 0.67 -0.57 -12.03
N GLY A 222 0.05 -1.28 -11.09
CA GLY A 222 0.76 -2.35 -10.35
C GLY A 222 0.09 -2.87 -9.11
N THR A 223 0.50 -4.03 -8.60
CA THR A 223 -0.03 -4.48 -7.30
C THR A 223 0.67 -3.56 -6.28
N SER A 224 1.60 -2.82 -6.81
CA SER A 224 2.46 -1.91 -6.10
C SER A 224 1.69 -0.64 -5.70
N MET A 225 0.72 -0.29 -6.55
CA MET A 225 -0.22 0.83 -6.34
C MET A 225 -1.50 0.49 -5.65
N ALA A 226 -1.83 -0.81 -5.56
CA ALA A 226 -3.00 -1.31 -4.79
C ALA A 226 -2.61 -1.45 -3.34
N THR A 227 -1.47 -2.06 -3.07
CA THR A 227 -0.96 -2.10 -1.71
C THR A 227 -1.17 -0.79 -0.94
N PRO A 228 -0.58 0.30 -1.41
CA PRO A 228 -0.73 1.57 -0.71
C PRO A 228 -2.26 1.93 -0.50
N HIS A 229 -3.16 1.50 -1.39
CA HIS A 229 -4.60 1.77 -1.19
C HIS A 229 -5.13 1.00 0.00
N VAL A 230 -4.70 -0.23 0.24
CA VAL A 230 -5.10 -0.96 1.44
C VAL A 230 -4.26 -0.45 2.60
N ALA A 231 -3.02 -0.03 2.36
CA ALA A 231 -2.11 0.46 3.37
C ALA A 231 -2.77 1.69 3.98
N GLY A 232 -3.15 2.56 3.08
CA GLY A 232 -3.91 3.76 3.41
C GLY A 232 -5.37 3.48 3.82
N LEU A 233 -5.99 2.43 3.31
CA LEU A 233 -7.35 2.10 3.68
C LEU A 233 -7.20 1.63 5.14
N ALA A 234 -6.24 0.73 5.34
CA ALA A 234 -5.91 0.24 6.69
C ALA A 234 -5.74 1.41 7.64
N ALA A 235 -4.81 2.29 7.27
CA ALA A 235 -4.46 3.42 8.15
C ALA A 235 -5.70 4.27 8.45
N TYR A 236 -6.43 4.60 7.39
CA TYR A 236 -7.65 5.38 7.46
C TYR A 236 -8.62 4.68 8.47
N LEU A 237 -8.82 3.37 8.43
CA LEU A 237 -9.69 2.70 9.38
C LEU A 237 -9.10 2.52 10.78
N MET A 238 -7.80 2.24 10.93
CA MET A 238 -7.21 2.24 12.25
C MET A 238 -7.57 3.55 12.90
N THR A 239 -7.36 4.68 12.21
CA THR A 239 -7.57 5.96 12.90
C THR A 239 -9.09 6.07 13.09
N LEU A 240 -9.85 5.41 12.22
CA LEU A 240 -11.31 5.34 12.42
C LEU A 240 -11.63 4.33 13.58
N GLY A 241 -10.62 3.70 14.22
CA GLY A 241 -10.85 2.72 15.26
C GLY A 241 -11.75 1.53 14.88
N LYS A 242 -11.89 1.29 13.56
CA LYS A 242 -12.68 0.16 13.11
C LYS A 242 -11.97 -1.19 13.22
N THR A 243 -10.64 -1.24 13.08
CA THR A 243 -9.87 -2.50 13.22
C THR A 243 -8.50 -2.14 13.83
N THR A 244 -7.58 -3.10 13.96
CA THR A 244 -6.29 -2.85 14.56
C THR A 244 -5.30 -3.25 13.60
N ALA A 245 -4.04 -3.00 13.93
CA ALA A 245 -2.98 -3.50 13.12
C ALA A 245 -3.12 -5.01 12.99
N ALA A 246 -3.25 -5.74 14.11
CA ALA A 246 -3.38 -7.20 14.02
C ALA A 246 -4.57 -7.68 13.19
N SER A 247 -5.65 -6.98 13.05
CA SER A 247 -6.68 -7.52 12.15
C SER A 247 -7.14 -6.66 10.99
N ALA A 248 -6.45 -5.58 10.70
CA ALA A 248 -6.89 -4.71 9.62
C ALA A 248 -7.11 -5.50 8.37
N CYS A 249 -6.38 -6.57 8.14
CA CYS A 249 -6.55 -7.22 6.89
C CYS A 249 -7.85 -8.02 6.82
N ARG A 250 -8.10 -8.82 7.85
CA ARG A 250 -9.29 -9.66 7.85
C ARG A 250 -10.53 -8.76 7.74
N TYR A 251 -10.47 -7.69 8.47
CA TYR A 251 -11.55 -6.73 8.49
C TYR A 251 -11.78 -6.01 7.15
N ILE A 252 -10.69 -5.54 6.56
CA ILE A 252 -10.76 -4.91 5.25
C ILE A 252 -11.43 -5.95 4.30
N ALA A 253 -11.06 -7.21 4.48
CA ALA A 253 -11.55 -8.34 3.65
C ALA A 253 -13.04 -8.71 3.83
N ASP A 254 -13.45 -8.79 5.08
CA ASP A 254 -14.80 -9.05 5.42
C ASP A 254 -15.74 -7.93 4.96
N THR A 255 -15.26 -6.69 5.00
CA THR A 255 -16.06 -5.50 4.63
C THR A 255 -15.94 -5.04 3.20
N ALA A 256 -15.13 -5.75 2.43
CA ALA A 256 -14.89 -5.40 1.02
C ALA A 256 -16.15 -5.59 0.15
N ASN A 257 -16.00 -5.25 -1.11
CA ASN A 257 -17.01 -5.46 -2.13
C ASN A 257 -16.76 -6.87 -2.62
N LYS A 258 -17.74 -7.76 -2.68
CA LYS A 258 -17.42 -9.17 -3.04
C LYS A 258 -18.16 -9.53 -4.28
N GLY A 259 -17.71 -10.59 -4.93
CA GLY A 259 -18.25 -10.98 -6.23
C GLY A 259 -18.18 -9.94 -7.34
N ASP A 260 -17.69 -8.74 -7.07
CA ASP A 260 -17.72 -7.67 -8.11
C ASP A 260 -16.74 -7.82 -9.23
N LEU A 261 -15.56 -8.32 -8.88
CA LEU A 261 -14.45 -8.28 -9.80
C LEU A 261 -14.62 -9.34 -10.82
N SER A 262 -14.14 -9.11 -12.02
CA SER A 262 -14.30 -10.16 -12.96
C SER A 262 -12.86 -10.59 -13.22
N ASN A 263 -12.65 -11.73 -13.88
CA ASN A 263 -11.30 -12.16 -14.07
C ASN A 263 -10.68 -13.00 -12.85
N ILE A 264 -11.42 -13.25 -11.77
CA ILE A 264 -10.92 -14.00 -10.59
C ILE A 264 -10.95 -15.46 -10.74
N PRO A 265 -9.82 -16.10 -10.51
CA PRO A 265 -9.72 -17.57 -10.58
C PRO A 265 -10.31 -18.32 -9.43
N PHE A 266 -10.89 -19.50 -9.69
CA PHE A 266 -11.39 -20.34 -8.57
C PHE A 266 -10.20 -20.46 -7.60
N GLY A 267 -10.37 -20.19 -6.30
CA GLY A 267 -9.25 -20.28 -5.37
C GLY A 267 -8.88 -18.94 -4.76
N THR A 268 -9.14 -17.89 -5.54
CA THR A 268 -8.86 -16.52 -5.21
C THR A 268 -10.13 -15.78 -4.82
N VAL A 269 -9.94 -15.01 -3.89
CA VAL A 269 -11.01 -14.29 -3.35
C VAL A 269 -11.52 -13.16 -4.29
N ASN A 270 -12.83 -12.84 -4.27
CA ASN A 270 -13.42 -11.87 -5.18
C ASN A 270 -13.85 -10.78 -4.23
N LEU A 271 -12.81 -10.10 -3.82
CA LEU A 271 -12.95 -9.10 -2.80
C LEU A 271 -12.14 -7.87 -3.19
N LEU A 272 -12.78 -6.71 -3.06
CA LEU A 272 -12.21 -5.44 -3.47
C LEU A 272 -12.30 -4.47 -2.29
N ALA A 273 -11.17 -3.90 -1.89
CA ALA A 273 -11.05 -2.92 -0.83
C ALA A 273 -12.10 -1.84 -0.88
N TYR A 274 -12.68 -1.56 0.29
CA TYR A 274 -13.82 -0.67 0.33
C TYR A 274 -14.06 -0.07 1.71
N ASN A 275 -14.29 1.24 1.77
CA ASN A 275 -14.31 1.90 3.04
C ASN A 275 -15.68 2.09 3.64
N ASN A 276 -16.72 1.76 2.89
CA ASN A 276 -18.07 1.85 3.44
C ASN A 276 -18.24 3.20 3.99
N TYR A 277 -17.70 4.19 3.31
CA TYR A 277 -17.95 5.49 3.85
C TYR A 277 -19.41 5.76 3.60
N GLN A 278 -20.10 5.99 4.69
CA GLN A 278 -21.42 6.56 4.65
C GLN A 278 -21.27 7.91 5.28
N ALA A 279 -21.51 8.93 4.49
CA ALA A 279 -21.47 10.32 4.93
C ALA A 279 -22.35 10.45 6.14
N PRO B 2 14.91 -9.36 -7.59
CA PRO B 2 13.53 -9.17 -8.05
C PRO B 2 12.89 -8.07 -7.14
N ALA B 3 12.12 -7.06 -7.65
CA ALA B 3 11.63 -5.90 -6.79
C ALA B 3 10.28 -5.12 -7.06
N PRO B 4 10.19 -4.27 -8.11
CA PRO B 4 8.99 -3.43 -8.32
C PRO B 4 7.78 -4.26 -8.56
N PHE B 5 6.86 -4.10 -7.58
CA PHE B 5 5.62 -4.81 -7.78
C PHE B 5 4.28 -4.00 -7.50
N ALA B 6 4.78 -2.56 -9.88
CA ALA B 6 5.61 -2.16 -10.50
C ALA B 6 5.18 -0.74 -10.95
N ALA B 7 6.24 -0.05 -11.53
CA ALA B 7 6.30 1.27 -12.20
C ALA B 7 7.61 1.48 -13.07
N ALA B 8 7.74 2.63 -13.80
CA ALA B 8 8.92 2.95 -14.69
C ALA B 8 9.61 4.18 -14.04
N ALA B 9 10.96 4.27 -13.95
CA ALA B 9 11.48 5.39 -13.10
C ALA B 9 12.79 6.17 -13.26
#